data_2FFJ
#
_entry.id   2FFJ
#
_cell.length_a   68.806
_cell.length_b   80.677
_cell.length_c   120.868
_cell.angle_alpha   90.000
_cell.angle_beta   90.000
_cell.angle_gamma   90.000
#
_symmetry.space_group_name_H-M   'P 21 21 21'
#
loop_
_entity.id
_entity.type
_entity.pdbx_description
1 polymer 'conserved hypothetical protein'
2 non-polymer 'CHLORIDE ION'
3 non-polymer 'SULFATE ION'
4 water water
#
_entity_poly.entity_id   1
_entity_poly.type   'polypeptide(L)'
_entity_poly.pdbx_seq_one_letter_code
;(MSE)GSDKIHHHHHH(MSE)KISPLCPSCLLGRVYYEAKLVTDDEDLISQCVDESLKILAENYSSRPINAHLATRIHRR
VYEILGVEDPYAEVKARANEVARQVLPLAKEIVEGSDDPFKTAVIVSIVGNNFDYGVQGHKVVEEEFRDFLKRKVQEGLK
INDTERIKELSSGKVVYLTDNAGEIFFDTLL(MSE)KEIKRRCEKLTAVVRGRPIISDATIEDARLARVDKIADELLTNG
KGAIGII(MSE)DELPDETRKALEEADLIVAKG(MSE)ANYECLSDGSLKPIAFLLTAKCEPVARDIGVNVGD(MSE)VA
KVVE
;
_entity_poly.pdbx_strand_id   A,B
#
# COMPACT_ATOMS: atom_id res chain seq x y z
C CYS A 19 23.62 5.55 -7.03
N PRO A 20 24.86 5.04 -6.82
CA PRO A 20 25.28 4.46 -5.52
C PRO A 20 25.30 5.52 -4.41
N SER A 21 25.97 6.63 -4.64
CA SER A 21 25.91 7.78 -3.72
C SER A 21 24.45 8.29 -3.52
N CYS A 22 23.76 8.69 -4.59
CA CYS A 22 22.35 9.12 -4.57
C CYS A 22 21.46 8.13 -3.86
N LEU A 23 21.68 6.85 -4.12
CA LEU A 23 20.95 5.77 -3.47
C LEU A 23 21.04 5.91 -1.97
N LEU A 24 22.26 6.10 -1.50
CA LEU A 24 22.49 6.16 -0.08
C LEU A 24 21.80 7.36 0.48
N GLY A 25 21.81 8.48 -0.23
CA GLY A 25 21.07 9.67 0.20
C GLY A 25 19.58 9.40 0.23
N ARG A 26 19.12 8.65 -0.75
CA ARG A 26 17.72 8.31 -0.85
C ARG A 26 17.29 7.41 0.31
N VAL A 27 18.18 6.53 0.74
CA VAL A 27 17.89 5.68 1.91
C VAL A 27 17.68 6.49 3.16
N TYR A 28 18.52 7.49 3.34
CA TYR A 28 18.40 8.39 4.46
C TYR A 28 17.09 9.16 4.43
N TYR A 29 16.74 9.69 3.25
CA TYR A 29 15.47 10.40 3.01
C TYR A 29 14.20 9.58 3.34
N GLU A 30 14.10 8.37 2.78
CA GLU A 30 13.04 7.38 3.09
C GLU A 30 12.88 7.11 4.58
N ALA A 31 13.98 6.80 5.21
CA ALA A 31 13.96 6.52 6.61
C ALA A 31 13.37 7.72 7.36
N LYS A 32 13.84 8.91 7.01
CA LYS A 32 13.36 10.14 7.64
C LYS A 32 11.90 10.46 7.31
N LEU A 33 11.38 9.94 6.22
CA LEU A 33 9.94 10.04 5.95
C LEU A 33 9.12 9.27 6.97
N VAL A 34 9.65 8.15 7.45
CA VAL A 34 8.91 7.24 8.31
C VAL A 34 9.12 7.54 9.77
N THR A 35 10.37 7.76 10.17
CA THR A 35 10.73 7.71 11.58
C THR A 35 11.75 8.74 11.99
N ASP A 36 11.81 8.94 13.31
CA ASP A 36 12.84 9.76 13.93
C ASP A 36 13.87 8.98 14.73
N ASP A 37 13.65 7.69 14.94
CA ASP A 37 14.58 6.87 15.71
C ASP A 37 15.93 6.84 14.95
N GLU A 38 16.96 7.37 15.59
CA GLU A 38 18.25 7.44 14.96
C GLU A 38 18.85 6.06 14.84
N ASP A 39 18.58 5.19 15.82
CA ASP A 39 18.95 3.78 15.73
C ASP A 39 18.45 3.15 14.43
N LEU A 40 17.18 3.30 14.11
CA LEU A 40 16.65 2.74 12.88
C LEU A 40 17.22 3.40 11.64
N ILE A 41 17.33 4.72 11.68
CA ILE A 41 17.84 5.43 10.50
C ILE A 41 19.25 4.98 10.20
N SER A 42 20.08 4.94 11.23
CA SER A 42 21.48 4.56 11.01
C SER A 42 21.57 3.05 10.69
N GLN A 43 20.66 2.24 11.23
CA GLN A 43 20.64 0.85 10.83
C GLN A 43 20.33 0.73 9.32
N CYS A 44 19.40 1.52 8.82
CA CYS A 44 19.13 1.53 7.39
C CYS A 44 20.37 1.89 6.57
N VAL A 45 21.02 2.97 6.94
CA VAL A 45 22.14 3.45 6.17
C VAL A 45 23.27 2.45 6.30
N ASP A 46 23.48 1.92 7.48
CA ASP A 46 24.61 1.02 7.72
C ASP A 46 24.47 -0.30 6.99
N GLU A 47 23.28 -0.86 7.02
CA GLU A 47 23.00 -2.07 6.27
C GLU A 47 23.05 -1.86 4.76
N SER A 48 22.68 -0.67 4.30
CA SER A 48 22.83 -0.31 2.90
C SER A 48 24.29 -0.23 2.49
N LEU A 49 25.11 0.39 3.33
CA LEU A 49 26.55 0.47 3.06
C LEU A 49 27.16 -0.91 2.91
N LYS A 50 26.75 -1.80 3.79
CA LYS A 50 27.25 -3.18 3.75
C LYS A 50 26.95 -3.88 2.41
N ILE A 51 25.74 -3.66 1.90
CA ILE A 51 25.34 -4.28 0.65
C ILE A 51 26.04 -3.65 -0.54
N LEU A 52 26.20 -2.32 -0.54
CA LEU A 52 26.93 -1.65 -1.60
C LEU A 52 28.37 -2.13 -1.67
N ALA A 53 28.98 -2.30 -0.50
CA ALA A 53 30.36 -2.75 -0.37
C ALA A 53 30.59 -4.14 -0.92
N GLU A 54 29.67 -5.04 -0.63
CA GLU A 54 29.72 -6.42 -1.14
C GLU A 54 29.50 -6.49 -2.67
N ASN A 55 28.55 -5.75 -3.24
CA ASN A 55 28.22 -5.88 -4.68
C ASN A 55 28.55 -4.66 -5.54
N ILE A 61 23.99 2.20 -10.12
CA ILE A 61 23.49 1.06 -9.34
C ILE A 61 22.51 0.20 -10.15
N ASN A 62 22.79 -1.10 -10.16
CA ASN A 62 21.91 -2.15 -10.71
C ASN A 62 20.43 -2.04 -10.20
N ALA A 63 19.46 -2.56 -10.97
CA ALA A 63 18.05 -2.64 -10.50
C ALA A 63 17.90 -3.67 -9.38
N HIS A 64 18.56 -4.83 -9.54
CA HIS A 64 18.54 -5.89 -8.52
C HIS A 64 19.14 -5.37 -7.21
N LEU A 65 20.22 -4.58 -7.26
CA LEU A 65 20.82 -4.06 -6.04
C LEU A 65 19.95 -3.00 -5.36
N ALA A 66 19.50 -2.00 -6.11
CA ALA A 66 18.64 -0.97 -5.52
C ALA A 66 17.38 -1.61 -4.92
N THR A 67 16.81 -2.58 -5.62
CA THR A 67 15.62 -3.24 -5.12
C THR A 67 15.93 -3.93 -3.79
N ARG A 68 16.98 -4.74 -3.80
CA ARG A 68 17.42 -5.43 -2.60
C ARG A 68 17.64 -4.45 -1.43
N ILE A 69 18.27 -3.31 -1.70
CA ILE A 69 18.53 -2.34 -0.66
C ILE A 69 17.26 -1.69 -0.10
N HIS A 70 16.37 -1.21 -0.97
CA HIS A 70 15.10 -0.63 -0.51
C HIS A 70 14.24 -1.61 0.26
N ARG A 71 14.17 -2.84 -0.22
CA ARG A 71 13.41 -3.82 0.51
C ARG A 71 13.98 -4.03 1.91
N ARG A 72 15.30 -4.11 2.03
CA ARG A 72 15.84 -4.31 3.35
C ARG A 72 15.52 -3.11 4.23
N VAL A 73 15.62 -1.92 3.69
CA VAL A 73 15.38 -0.71 4.45
C VAL A 73 13.91 -0.62 4.90
N TYR A 74 12.99 -1.00 4.03
CA TYR A 74 11.60 -0.98 4.43
C TYR A 74 11.37 -2.00 5.53
N GLU A 75 12.06 -3.13 5.45
CA GLU A 75 11.90 -4.16 6.46
C GLU A 75 12.38 -3.61 7.82
N ILE A 76 13.54 -2.95 7.85
CA ILE A 76 14.05 -2.43 9.10
C ILE A 76 13.08 -1.41 9.70
N LEU A 77 12.48 -0.61 8.83
CA LEU A 77 11.56 0.44 9.26
C LEU A 77 10.16 -0.09 9.53
N GLY A 78 9.89 -1.33 9.14
CA GLY A 78 8.56 -1.89 9.34
C GLY A 78 7.48 -1.13 8.57
N VAL A 79 7.84 -0.65 7.39
CA VAL A 79 6.94 0.17 6.58
C VAL A 79 6.64 -0.50 5.24
N GLU A 80 5.49 -0.19 4.67
CA GLU A 80 5.07 -0.72 3.39
C GLU A 80 5.34 0.31 2.32
N ASP A 81 4.88 1.54 2.57
CA ASP A 81 5.04 2.65 1.63
C ASP A 81 5.48 3.97 2.27
N PRO A 82 6.78 4.18 2.37
CA PRO A 82 7.22 5.46 2.94
C PRO A 82 6.91 6.68 2.06
N TYR A 83 6.64 6.45 0.79
CA TYR A 83 6.41 7.55 -0.15
C TYR A 83 4.91 7.76 -0.38
N ALA A 84 4.05 7.20 0.48
CA ALA A 84 2.60 7.24 0.27
C ALA A 84 2.10 8.65 0.07
N GLU A 85 2.59 9.55 0.90
CA GLU A 85 2.11 10.92 0.85
C GLU A 85 2.70 11.64 -0.37
N VAL A 86 3.97 11.39 -0.63
CA VAL A 86 4.67 12.05 -1.74
C VAL A 86 4.10 11.63 -3.10
N LYS A 87 3.79 10.35 -3.23
CA LYS A 87 3.08 9.88 -4.39
C LYS A 87 1.67 10.51 -4.50
N ALA A 88 0.92 10.61 -3.39
CA ALA A 88 -0.44 11.16 -3.44
C ALA A 88 -0.43 12.60 -3.97
N ARG A 89 0.51 13.40 -3.52
CA ARG A 89 0.60 14.78 -3.98
C ARG A 89 0.90 14.87 -5.48
N ALA A 90 1.71 13.95 -5.97
CA ALA A 90 2.01 13.92 -7.41
C ALA A 90 0.76 13.55 -8.18
N ASN A 91 0.03 12.53 -7.71
CA ASN A 91 -1.27 12.21 -8.28
C ASN A 91 -2.21 13.39 -8.28
N GLU A 92 -2.24 14.14 -7.16
CA GLU A 92 -3.18 15.24 -7.01
C GLU A 92 -2.93 16.33 -8.02
N VAL A 93 -1.65 16.71 -8.20
CA VAL A 93 -1.30 17.79 -9.13
C VAL A 93 -1.56 17.34 -10.55
N ALA A 94 -1.17 16.12 -10.84
CA ALA A 94 -1.43 15.53 -12.14
C ALA A 94 -2.92 15.57 -12.50
N ARG A 95 -3.75 15.15 -11.57
CA ARG A 95 -5.19 15.21 -11.75
C ARG A 95 -5.63 16.64 -12.05
N GLN A 96 -5.15 17.60 -11.28
CA GLN A 96 -5.52 19.02 -11.47
C GLN A 96 -5.20 19.54 -12.88
N VAL A 97 -4.03 19.17 -13.42
CA VAL A 97 -3.54 19.76 -14.66
C VAL A 97 -3.74 18.92 -15.90
N LEU A 98 -4.20 17.68 -15.73
CA LEU A 98 -4.30 16.79 -16.87
C LEU A 98 -5.24 17.29 -17.95
N PRO A 99 -6.41 17.86 -17.56
CA PRO A 99 -7.28 18.43 -18.60
C PRO A 99 -6.58 19.44 -19.49
N LEU A 100 -5.63 20.16 -18.90
CA LEU A 100 -4.86 21.15 -19.62
C LEU A 100 -3.87 20.46 -20.52
N ALA A 101 -3.25 19.42 -20.03
CA ALA A 101 -2.33 18.63 -20.85
C ALA A 101 -3.05 18.05 -22.04
N LYS A 102 -4.30 17.63 -21.84
CA LYS A 102 -5.10 17.08 -22.92
C LYS A 102 -5.37 18.15 -23.97
N GLU A 103 -5.70 19.35 -23.52
CA GLU A 103 -5.88 20.48 -24.39
C GLU A 103 -4.71 20.62 -25.34
N ILE A 104 -3.50 20.55 -24.79
CA ILE A 104 -2.31 20.74 -25.61
C ILE A 104 -2.10 19.60 -26.61
N VAL A 105 -2.35 18.37 -26.18
CA VAL A 105 -2.27 17.22 -27.10
C VAL A 105 -3.27 17.36 -28.27
N GLU A 106 -4.54 17.50 -27.91
CA GLU A 106 -5.64 17.61 -28.87
C GLU A 106 -5.49 18.79 -29.80
N GLY A 107 -4.85 19.84 -29.30
CA GLY A 107 -4.66 21.06 -30.07
C GLY A 107 -3.38 21.11 -30.90
N SER A 108 -2.46 20.16 -30.69
CA SER A 108 -1.19 20.18 -31.42
C SER A 108 -1.31 19.66 -32.84
N ASP A 109 -0.30 19.95 -33.67
CA ASP A 109 -0.27 19.44 -35.06
C ASP A 109 0.02 17.94 -35.12
N ASP A 110 0.70 17.41 -34.09
CA ASP A 110 1.07 15.99 -34.02
C ASP A 110 0.73 15.45 -32.62
N PRO A 111 -0.54 15.09 -32.40
CA PRO A 111 -0.98 14.70 -31.06
C PRO A 111 -0.19 13.57 -30.46
N PHE A 112 0.17 12.60 -31.27
CA PHE A 112 0.90 11.45 -30.79
C PHE A 112 2.25 11.89 -30.21
N LYS A 113 3.00 12.69 -30.96
CA LYS A 113 4.30 13.17 -30.46
C LYS A 113 4.11 14.01 -29.21
N THR A 114 3.08 14.86 -29.21
CA THR A 114 2.83 15.73 -28.07
C THR A 114 2.45 14.88 -26.86
N ALA A 115 1.67 13.83 -27.09
CA ALA A 115 1.36 12.88 -26.01
C ALA A 115 2.61 12.21 -25.44
N VAL A 116 3.57 11.88 -26.32
CA VAL A 116 4.83 11.32 -25.85
C VAL A 116 5.55 12.31 -24.95
N ILE A 117 5.64 13.56 -25.40
CA ILE A 117 6.35 14.59 -24.66
C ILE A 117 5.68 14.77 -23.28
N VAL A 118 4.36 14.89 -23.27
CA VAL A 118 3.60 15.01 -22.04
C VAL A 118 3.88 13.86 -21.06
N SER A 119 3.85 12.62 -21.56
CA SER A 119 4.13 11.46 -20.70
C SER A 119 5.53 11.55 -20.03
N ILE A 120 6.49 12.11 -20.75
CA ILE A 120 7.85 12.23 -20.27
C ILE A 120 7.99 13.34 -19.26
N VAL A 121 7.38 14.50 -19.51
CA VAL A 121 7.72 15.67 -18.68
C VAL A 121 6.66 16.08 -17.67
N GLY A 122 5.42 15.61 -17.80
CA GLY A 122 4.35 16.15 -16.98
C GLY A 122 4.63 16.18 -15.47
N ASN A 123 5.16 15.07 -14.99
CA ASN A 123 5.49 14.90 -13.59
C ASN A 123 6.87 15.51 -13.21
N ASN A 124 7.56 16.18 -14.14
CA ASN A 124 8.78 16.91 -13.83
C ASN A 124 8.48 18.32 -13.40
N PHE A 125 7.24 18.74 -13.60
CA PHE A 125 6.74 20.05 -13.19
C PHE A 125 6.98 20.38 -11.70
N ASP A 126 7.42 21.60 -11.39
CA ASP A 126 7.70 22.06 -10.02
C ASP A 126 6.50 22.82 -9.41
N TYR A 127 5.92 22.26 -8.33
CA TYR A 127 4.94 22.95 -7.48
C TYR A 127 5.11 24.47 -7.48
N VAL A 134 -3.54 29.40 -10.44
CA VAL A 134 -2.55 28.94 -9.49
C VAL A 134 -1.48 28.12 -10.26
N VAL A 135 -1.22 26.90 -9.79
CA VAL A 135 -0.27 26.02 -10.43
C VAL A 135 -0.69 25.64 -11.86
N GLU A 136 -1.96 25.84 -12.18
CA GLU A 136 -2.53 25.43 -13.48
C GLU A 136 -1.95 26.29 -14.61
N GLU A 137 -1.80 27.60 -14.36
CA GLU A 137 -1.22 28.52 -15.35
C GLU A 137 0.26 28.24 -15.54
N GLU A 138 0.98 28.00 -14.44
CA GLU A 138 2.44 27.76 -14.51
C GLU A 138 2.76 26.51 -15.33
N PHE A 139 2.01 25.44 -15.09
CA PHE A 139 2.15 24.19 -15.84
C PHE A 139 1.90 24.37 -17.35
N ARG A 140 0.97 25.25 -17.70
CA ARG A 140 0.71 25.53 -19.11
C ARG A 140 1.97 26.09 -19.80
N ASP A 141 2.68 26.96 -19.08
CA ASP A 141 3.93 27.54 -19.56
C ASP A 141 5.03 26.46 -19.64
N PHE A 142 5.13 25.64 -18.59
CA PHE A 142 6.13 24.62 -18.52
C PHE A 142 6.02 23.65 -19.69
N LEU A 143 4.81 23.20 -19.92
CA LEU A 143 4.55 22.19 -20.91
C LEU A 143 4.71 22.78 -22.31
N LYS A 144 4.22 23.99 -22.54
CA LYS A 144 4.47 24.68 -23.81
C LYS A 144 5.97 24.90 -24.08
N ARG A 145 6.77 25.13 -23.04
CA ARG A 145 8.21 25.29 -23.20
C ARG A 145 8.88 23.94 -23.54
N LYS A 146 8.47 22.86 -22.87
CA LYS A 146 9.06 21.55 -23.17
C LYS A 146 8.74 21.11 -24.58
N VAL A 147 7.53 21.40 -25.04
CA VAL A 147 7.17 21.07 -26.43
C VAL A 147 8.01 21.88 -27.44
N GLN A 148 8.32 23.14 -27.15
CA GLN A 148 9.17 23.91 -28.04
C GLN A 148 10.57 23.31 -28.11
N GLU A 149 11.10 22.86 -26.98
CA GLU A 149 12.41 22.24 -26.95
C GLU A 149 12.42 20.93 -27.74
N GLY A 150 11.36 20.15 -27.58
CA GLY A 150 11.20 18.89 -28.30
C GLY A 150 12.14 17.80 -27.85
N LEU A 151 12.05 16.66 -28.53
CA LEU A 151 12.83 15.47 -28.22
C LEU A 151 14.23 15.57 -28.86
N LYS A 152 15.29 15.31 -28.10
CA LYS A 152 16.62 15.28 -28.69
C LYS A 152 16.72 14.03 -29.54
N ILE A 153 16.08 12.94 -29.09
CA ILE A 153 15.91 11.76 -29.92
C ILE A 153 14.41 11.56 -30.11
N ASN A 154 13.98 11.57 -31.37
CA ASN A 154 12.57 11.64 -31.75
C ASN A 154 12.19 10.50 -32.69
N ASP A 155 11.97 9.32 -32.15
CA ASP A 155 11.55 8.15 -32.93
C ASP A 155 10.03 7.96 -32.81
N THR A 156 9.29 9.04 -32.63
CA THR A 156 7.86 8.92 -32.39
C THR A 156 7.07 8.40 -33.57
N GLU A 157 7.53 8.67 -34.80
CA GLU A 157 6.81 8.16 -35.97
C GLU A 157 6.92 6.65 -36.09
N ARG A 158 8.09 6.13 -35.77
CA ARG A 158 8.27 4.71 -35.70
C ARG A 158 7.44 4.10 -34.56
N ILE A 159 7.41 4.77 -33.40
CA ILE A 159 6.60 4.27 -32.27
C ILE A 159 5.13 4.18 -32.69
N LYS A 160 4.66 5.23 -33.32
CA LYS A 160 3.31 5.27 -33.83
C LYS A 160 3.06 4.08 -34.77
N GLU A 161 4.02 3.82 -35.66
CA GLU A 161 3.89 2.72 -36.63
C GLU A 161 3.70 1.39 -35.92
N LEU A 162 4.58 1.11 -34.96
CA LEU A 162 4.57 -0.15 -34.25
C LEU A 162 3.41 -0.31 -33.30
N SER A 163 2.73 0.80 -32.98
CA SER A 163 1.59 0.75 -32.06
C SER A 163 0.34 0.05 -32.63
N SER A 164 0.36 -0.34 -33.90
CA SER A 164 -0.72 -1.13 -34.47
C SER A 164 -0.81 -2.55 -33.88
N GLY A 165 0.28 -3.06 -33.32
CA GLY A 165 0.28 -4.44 -32.80
C GLY A 165 -0.15 -4.55 -31.33
N LYS A 166 0.26 -5.65 -30.70
CA LYS A 166 0.04 -5.87 -29.27
C LYS A 166 1.06 -5.04 -28.50
N VAL A 167 0.59 -4.07 -27.70
CA VAL A 167 1.49 -3.13 -27.06
C VAL A 167 1.49 -3.34 -25.56
N VAL A 168 2.67 -3.29 -24.95
CA VAL A 168 2.80 -3.32 -23.50
C VAL A 168 3.38 -2.00 -23.01
N TYR A 169 2.67 -1.36 -22.10
CA TYR A 169 3.07 -0.07 -21.59
C TYR A 169 3.58 -0.24 -20.15
N LEU A 170 4.89 -0.08 -19.99
CA LEU A 170 5.55 -0.27 -18.72
C LEU A 170 5.75 1.07 -18.06
N THR A 171 4.98 1.32 -17.02
CA THR A 171 4.98 2.60 -16.33
C THR A 171 6.18 2.80 -15.41
N ASP A 172 6.22 3.98 -14.79
CA ASP A 172 7.27 4.32 -13.82
C ASP A 172 6.62 4.90 -12.56
N ASN A 173 6.55 6.23 -12.40
CA ASN A 173 6.10 6.83 -11.15
C ASN A 173 4.59 7.15 -11.05
N ALA A 174 4.09 7.27 -9.83
CA ALA A 174 2.84 7.93 -9.56
C ALA A 174 2.94 9.39 -10.04
N GLY A 175 1.79 10.03 -10.21
CA GLY A 175 1.71 11.32 -10.92
C GLY A 175 1.91 11.12 -12.42
N GLU A 176 3.11 10.68 -12.77
CA GLU A 176 3.46 10.42 -14.15
C GLU A 176 2.42 9.51 -14.83
N ILE A 177 1.87 8.55 -14.10
CA ILE A 177 0.96 7.60 -14.70
C ILE A 177 -0.33 8.27 -15.20
N PHE A 178 -0.73 9.37 -14.58
CA PHE A 178 -1.82 10.18 -15.11
C PHE A 178 -1.49 10.75 -16.50
N PHE A 179 -0.27 11.25 -16.66
CA PHE A 179 0.16 11.75 -17.97
C PHE A 179 0.30 10.61 -18.97
N ASP A 180 0.73 9.44 -18.50
CA ASP A 180 0.83 8.28 -19.39
C ASP A 180 -0.53 7.94 -20.03
N THR A 181 -1.64 8.20 -19.34
CA THR A 181 -2.95 7.83 -19.91
C THR A 181 -3.21 8.50 -21.26
N LEU A 182 -2.69 9.72 -21.44
CA LEU A 182 -2.82 10.42 -22.71
C LEU A 182 -2.17 9.66 -23.84
N LEU A 183 -0.96 9.16 -23.62
CA LEU A 183 -0.29 8.38 -24.65
C LEU A 183 -1.00 7.03 -24.86
N LYS A 185 -4.23 6.47 -24.64
CA LYS A 185 -5.39 6.74 -25.51
C LYS A 185 -4.97 6.84 -26.97
N GLU A 186 -3.86 7.53 -27.24
CA GLU A 186 -3.36 7.66 -28.60
C GLU A 186 -3.00 6.29 -29.15
N ILE A 187 -2.29 5.51 -28.34
CA ILE A 187 -1.93 4.15 -28.73
C ILE A 187 -3.20 3.31 -28.94
N LYS A 188 -4.20 3.54 -28.08
CA LYS A 188 -5.45 2.79 -28.13
C LYS A 188 -6.22 3.01 -29.45
N ARG A 189 -5.98 4.13 -30.14
CA ARG A 189 -6.56 4.34 -31.47
C ARG A 189 -6.09 3.34 -32.55
N ARG A 190 -4.94 2.69 -32.35
CA ARG A 190 -4.31 1.89 -33.41
C ARG A 190 -4.12 0.41 -33.05
N CYS A 191 -4.00 0.09 -31.77
CA CYS A 191 -3.40 -1.18 -31.38
C CYS A 191 -4.37 -2.35 -31.37
N GLU A 192 -3.84 -3.55 -31.58
CA GLU A 192 -4.61 -4.77 -31.40
C GLU A 192 -4.95 -4.96 -29.92
N LYS A 193 -4.02 -4.59 -29.05
CA LYS A 193 -4.19 -4.81 -27.61
C LYS A 193 -3.22 -3.94 -26.81
N LEU A 194 -3.65 -3.46 -25.65
CA LEU A 194 -2.81 -2.65 -24.79
C LEU A 194 -2.77 -3.25 -23.38
N THR A 195 -1.56 -3.58 -22.93
CA THR A 195 -1.34 -4.12 -21.60
C THR A 195 -0.47 -3.14 -20.79
N ALA A 196 -1.00 -2.65 -19.68
CA ALA A 196 -0.23 -1.79 -18.78
C ALA A 196 0.40 -2.65 -17.68
N VAL A 197 1.63 -2.31 -17.31
CA VAL A 197 2.35 -2.96 -16.23
C VAL A 197 2.82 -1.96 -15.18
N VAL A 198 2.51 -2.27 -13.93
CA VAL A 198 2.85 -1.43 -12.80
C VAL A 198 3.54 -2.29 -11.77
N ARG A 199 3.92 -1.70 -10.65
CA ARG A 199 4.59 -2.52 -9.64
C ARG A 199 3.57 -3.23 -8.76
N GLY A 200 3.92 -4.48 -8.43
CA GLY A 200 3.08 -5.32 -7.57
C GLY A 200 3.12 -4.90 -6.11
N ARG A 201 4.16 -4.19 -5.69
CA ARG A 201 4.21 -3.63 -4.32
C ARG A 201 4.83 -2.26 -4.38
N PRO A 202 4.53 -1.40 -3.41
CA PRO A 202 5.18 -0.09 -3.44
C PRO A 202 6.71 -0.21 -3.31
N ILE A 203 7.41 0.56 -4.12
CA ILE A 203 8.83 0.71 -3.96
C ILE A 203 9.13 2.08 -4.52
N ILE A 204 9.84 2.88 -3.73
CA ILE A 204 10.01 4.30 -3.98
C ILE A 204 8.70 4.91 -4.52
N SER A 205 8.75 5.78 -5.53
CA SER A 205 7.55 6.48 -6.00
C SER A 205 6.85 5.75 -7.14
N ASP A 206 7.24 4.49 -7.38
CA ASP A 206 6.68 3.74 -8.49
C ASP A 206 5.16 3.57 -8.36
N ALA A 207 4.49 3.66 -9.51
CA ALA A 207 3.06 3.45 -9.59
C ALA A 207 2.78 2.01 -9.29
N THR A 208 1.72 1.79 -8.52
CA THR A 208 1.24 0.47 -8.18
C THR A 208 -0.13 0.35 -8.82
N ILE A 209 -0.76 -0.78 -8.65
CA ILE A 209 -2.05 -0.98 -9.28
C ILE A 209 -3.11 0.03 -8.81
N GLU A 210 -3.03 0.51 -7.56
CA GLU A 210 -3.97 1.49 -7.06
C GLU A 210 -3.79 2.84 -7.74
N ASP A 211 -2.54 3.22 -8.00
CA ASP A 211 -2.24 4.42 -8.80
C ASP A 211 -2.84 4.33 -10.19
N ALA A 212 -2.80 3.13 -10.76
CA ALA A 212 -3.33 2.88 -12.09
C ALA A 212 -4.84 2.98 -12.08
N ARG A 213 -5.47 2.52 -11.01
CA ARG A 213 -6.94 2.69 -10.90
C ARG A 213 -7.27 4.15 -10.69
N LEU A 214 -6.54 4.88 -9.87
CA LEU A 214 -6.83 6.30 -9.70
C LEU A 214 -6.79 7.03 -11.03
N ALA A 215 -5.82 6.69 -11.89
CA ALA A 215 -5.65 7.31 -13.20
C ALA A 215 -6.55 6.70 -14.28
N ARG A 216 -7.30 5.66 -13.94
CA ARG A 216 -8.24 5.03 -14.85
C ARG A 216 -7.56 4.28 -15.98
N VAL A 217 -6.33 3.85 -15.72
CA VAL A 217 -5.58 2.94 -16.60
C VAL A 217 -6.35 1.65 -16.89
N ASP A 218 -7.03 1.11 -15.88
CA ASP A 218 -7.87 -0.07 -16.05
C ASP A 218 -9.07 0.13 -16.96
N LYS A 219 -9.40 1.37 -17.32
CA LYS A 219 -10.51 1.66 -18.23
C LYS A 219 -10.03 1.88 -19.65
N ILE A 220 -8.74 2.14 -19.78
CA ILE A 220 -8.16 2.44 -21.06
C ILE A 220 -7.48 1.22 -21.64
N ALA A 221 -6.67 0.55 -20.82
CA ALA A 221 -5.89 -0.59 -21.26
C ALA A 221 -6.75 -1.82 -21.18
N ASP A 222 -6.45 -2.80 -22.01
CA ASP A 222 -7.22 -4.04 -22.10
C ASP A 222 -6.84 -4.98 -20.96
N GLU A 223 -5.61 -4.85 -20.46
CA GLU A 223 -5.19 -5.65 -19.32
C GLU A 223 -4.29 -4.82 -18.43
N LEU A 224 -4.33 -5.08 -17.13
CA LEU A 224 -3.53 -4.31 -16.18
C LEU A 224 -2.80 -5.31 -15.31
N LEU A 225 -1.47 -5.31 -15.39
CA LEU A 225 -0.66 -6.35 -14.77
C LEU A 225 0.44 -5.77 -13.89
N THR A 226 1.06 -6.65 -13.10
CA THR A 226 2.16 -6.21 -12.25
C THR A 226 3.46 -6.85 -12.67
N ASN A 227 4.55 -6.31 -12.17
CA ASN A 227 5.88 -6.89 -12.36
C ASN A 227 6.24 -7.86 -11.24
N GLY A 228 5.26 -8.20 -10.42
CA GLY A 228 5.41 -9.22 -9.39
C GLY A 228 5.59 -8.59 -8.00
N LYS A 229 6.69 -8.93 -7.34
CA LYS A 229 6.99 -8.45 -6.00
C LYS A 229 7.37 -6.97 -5.96
N GLY A 230 7.29 -6.25 -7.08
CA GLY A 230 7.47 -4.80 -7.04
C GLY A 230 8.92 -4.37 -7.03
N ALA A 231 9.64 -4.73 -8.07
CA ALA A 231 11.04 -4.37 -8.24
C ALA A 231 11.15 -3.00 -8.90
N ILE A 232 12.25 -2.33 -8.61
CA ILE A 232 12.69 -1.22 -9.42
C ILE A 232 13.09 -1.82 -10.75
N GLY A 233 12.63 -1.21 -11.83
CA GLY A 233 12.90 -1.77 -13.13
C GLY A 233 12.18 -3.08 -13.35
N ILE A 234 12.80 -3.98 -14.09
CA ILE A 234 12.23 -5.29 -14.31
C ILE A 234 13.23 -6.30 -13.86
N ILE A 235 12.77 -7.27 -13.09
CA ILE A 235 13.56 -8.46 -12.80
C ILE A 235 12.80 -9.66 -13.34
N ASP A 237 13.09 -12.87 -13.36
CA ASP A 237 12.78 -13.91 -12.36
C ASP A 237 11.51 -13.63 -11.53
N GLU A 238 11.11 -12.38 -11.38
CA GLU A 238 10.01 -12.03 -10.49
C GLU A 238 8.69 -11.84 -11.19
N LEU A 239 8.69 -11.86 -12.53
CA LEU A 239 7.48 -11.57 -13.28
C LEU A 239 6.48 -12.67 -13.07
N PRO A 240 5.21 -12.32 -12.85
CA PRO A 240 4.15 -13.33 -12.93
C PRO A 240 4.11 -13.88 -14.35
N ASP A 241 3.65 -15.12 -14.48
CA ASP A 241 3.61 -15.72 -15.80
C ASP A 241 2.80 -14.90 -16.81
N GLU A 242 1.64 -14.36 -16.42
CA GLU A 242 0.81 -13.56 -17.34
C GLU A 242 1.62 -12.38 -17.92
N THR A 243 2.36 -11.69 -17.06
CA THR A 243 3.14 -10.51 -17.47
C THR A 243 4.33 -10.84 -18.37
N ARG A 244 4.99 -11.94 -18.04
CA ARG A 244 6.13 -12.37 -18.80
C ARG A 244 5.69 -12.71 -20.22
N LYS A 245 4.58 -13.45 -20.32
CA LYS A 245 4.02 -13.81 -21.62
C LYS A 245 3.68 -12.52 -22.41
N ALA A 246 3.01 -11.57 -21.78
CA ALA A 246 2.64 -10.34 -22.45
C ALA A 246 3.86 -9.61 -22.98
N LEU A 247 4.93 -9.56 -22.19
CA LEU A 247 6.19 -8.95 -22.65
C LEU A 247 6.80 -9.69 -23.85
N GLU A 248 6.87 -11.02 -23.78
CA GLU A 248 7.48 -11.78 -24.87
C GLU A 248 6.67 -11.62 -26.18
N GLU A 249 5.34 -11.62 -26.07
CA GLU A 249 4.44 -11.62 -27.26
C GLU A 249 4.17 -10.21 -27.82
N ALA A 250 4.59 -9.18 -27.05
CA ALA A 250 4.41 -7.79 -27.46
C ALA A 250 5.03 -7.52 -28.82
N ASP A 251 4.30 -6.79 -29.65
CA ASP A 251 4.86 -6.23 -30.87
C ASP A 251 5.58 -4.89 -30.58
N LEU A 252 5.31 -4.28 -29.42
CA LEU A 252 6.02 -3.08 -28.97
C LEU A 252 5.90 -2.95 -27.47
N ILE A 253 7.03 -2.71 -26.81
CA ILE A 253 7.05 -2.34 -25.41
C ILE A 253 7.30 -0.83 -25.32
N VAL A 254 6.48 -0.13 -24.54
CA VAL A 254 6.73 1.27 -24.20
C VAL A 254 7.18 1.30 -22.75
N ALA A 255 8.40 1.78 -22.54
CA ALA A 255 9.02 1.75 -21.22
C ALA A 255 9.35 3.16 -20.76
N LYS A 256 8.91 3.50 -19.57
CA LYS A 256 9.09 4.85 -19.03
C LYS A 256 10.28 4.89 -18.10
N GLY A 257 11.12 5.91 -18.27
CA GLY A 257 12.13 6.26 -17.28
C GLY A 257 13.44 5.49 -17.29
N ALA A 259 15.26 3.63 -14.86
CA ALA A 259 15.47 2.28 -14.36
C ALA A 259 14.99 1.25 -15.39
N ASN A 260 13.86 1.50 -16.04
CA ASN A 260 13.35 0.62 -17.06
C ASN A 260 14.30 0.49 -18.24
N TYR A 261 14.84 1.62 -18.65
CA TYR A 261 15.81 1.62 -19.73
C TYR A 261 17.06 0.82 -19.35
N GLU A 262 17.56 1.04 -18.16
CA GLU A 262 18.77 0.35 -17.75
C GLU A 262 18.54 -1.15 -17.60
N CYS A 263 17.33 -1.59 -17.27
CA CYS A 263 17.06 -3.04 -17.20
C CYS A 263 16.84 -3.66 -18.57
N LEU A 264 16.23 -2.94 -19.50
CA LEU A 264 15.79 -3.58 -20.74
C LEU A 264 16.65 -3.28 -21.97
N SER A 265 17.73 -2.52 -21.83
CA SER A 265 18.73 -2.40 -22.92
C SER A 265 19.73 -3.56 -22.95
N LEU A 269 14.29 -8.34 -25.38
CA LEU A 269 12.91 -7.90 -25.56
C LEU A 269 12.81 -6.71 -26.50
N LYS A 270 12.36 -6.93 -27.72
CA LYS A 270 12.38 -5.89 -28.72
C LYS A 270 11.25 -6.14 -29.71
N PRO A 271 10.74 -5.09 -30.37
CA PRO A 271 11.14 -3.70 -30.30
C PRO A 271 10.62 -3.02 -29.06
N ILE A 272 11.42 -2.08 -28.57
CA ILE A 272 11.11 -1.38 -27.35
C ILE A 272 11.36 0.11 -27.58
N ALA A 273 10.48 0.93 -27.01
CA ALA A 273 10.61 2.39 -27.02
C ALA A 273 10.83 2.91 -25.61
N PHE A 274 11.94 3.60 -25.41
CA PHE A 274 12.28 4.18 -24.13
C PHE A 274 11.93 5.67 -24.12
N LEU A 275 10.97 6.03 -23.28
CA LEU A 275 10.57 7.43 -23.12
C LEU A 275 11.06 7.87 -21.74
N LEU A 276 11.94 8.85 -21.72
CA LEU A 276 12.58 9.29 -20.52
C LEU A 276 13.30 10.63 -20.70
N THR A 277 13.66 11.23 -19.57
CA THR A 277 14.60 12.34 -19.55
C THR A 277 15.88 11.80 -18.98
N ALA A 278 16.99 12.18 -19.61
CA ALA A 278 18.30 11.77 -19.13
C ALA A 278 18.70 12.69 -17.98
N LYS A 279 18.35 12.29 -16.76
CA LYS A 279 18.64 13.12 -15.60
C LYS A 279 20.07 12.95 -15.02
N CYS A 280 20.85 11.96 -15.49
CA CYS A 280 22.21 11.70 -15.00
C CYS A 280 23.22 11.45 -16.09
N GLU A 281 24.48 11.79 -15.82
CA GLU A 281 25.58 11.57 -16.74
C GLU A 281 25.63 10.13 -17.23
N PRO A 282 25.48 9.14 -16.31
CA PRO A 282 25.61 7.75 -16.77
C PRO A 282 24.54 7.39 -17.80
N VAL A 283 23.31 7.77 -17.55
CA VAL A 283 22.22 7.47 -18.47
C VAL A 283 22.35 8.23 -19.78
N ALA A 284 22.76 9.48 -19.67
CA ALA A 284 22.96 10.34 -20.83
C ALA A 284 24.03 9.76 -21.77
N ARG A 285 25.16 9.35 -21.20
CA ARG A 285 26.27 8.79 -21.99
C ARG A 285 25.85 7.45 -22.61
N ASP A 286 25.11 6.62 -21.84
CA ASP A 286 24.59 5.33 -22.32
C ASP A 286 23.72 5.53 -23.57
N ILE A 287 22.84 6.53 -23.53
CA ILE A 287 21.86 6.74 -24.61
C ILE A 287 22.41 7.60 -25.73
N GLY A 288 23.37 8.45 -25.42
CA GLY A 288 24.04 9.30 -26.40
C GLY A 288 23.43 10.69 -26.53
N VAL A 289 22.97 11.24 -25.41
CA VAL A 289 22.40 12.59 -25.33
C VAL A 289 23.09 13.34 -24.20
N ASN A 290 22.68 14.58 -23.98
CA ASN A 290 23.17 15.37 -22.86
C ASN A 290 22.17 15.35 -21.75
N VAL A 291 22.63 15.69 -20.56
CA VAL A 291 21.75 15.66 -19.38
C VAL A 291 20.62 16.66 -19.57
N GLY A 292 19.42 16.27 -19.15
CA GLY A 292 18.22 17.09 -19.35
C GLY A 292 17.51 16.81 -20.68
N ASP A 293 18.19 16.18 -21.64
CA ASP A 293 17.54 15.88 -22.91
C ASP A 293 16.37 14.92 -22.74
N VAL A 295 13.99 12.01 -24.42
CA VAL A 295 14.28 10.93 -25.34
C VAL A 295 13.04 10.09 -25.57
N ALA A 296 12.75 9.82 -26.85
CA ALA A 296 11.80 8.77 -27.21
C ALA A 296 12.55 7.91 -28.23
N LYS A 297 13.26 6.90 -27.71
CA LYS A 297 14.18 6.08 -28.50
C LYS A 297 13.63 4.68 -28.72
N VAL A 298 13.63 4.24 -29.97
CA VAL A 298 13.21 2.90 -30.31
C VAL A 298 14.42 2.04 -30.57
N VAL A 299 14.52 0.93 -29.85
CA VAL A 299 15.53 -0.07 -30.16
C VAL A 299 14.74 -1.15 -30.85
N GLU A 300 14.93 -1.23 -32.16
CA GLU A 300 14.15 -2.07 -33.05
C GLU A 300 14.52 -3.53 -32.92
N CYS B 19 -19.24 6.53 16.02
CA CYS B 19 -20.11 7.71 15.75
C CYS B 19 -19.70 8.37 14.44
N PRO B 20 -20.68 8.98 13.75
CA PRO B 20 -20.38 9.76 12.53
C PRO B 20 -19.52 11.01 12.79
N SER B 21 -19.59 11.57 14.01
CA SER B 21 -18.73 12.71 14.39
C SER B 21 -17.25 12.31 14.42
N CYS B 22 -16.97 11.14 14.98
CA CYS B 22 -15.61 10.63 14.98
C CYS B 22 -15.14 10.31 13.56
N LEU B 23 -15.98 9.68 12.73
CA LEU B 23 -15.61 9.45 11.35
C LEU B 23 -15.20 10.74 10.69
N LEU B 24 -16.06 11.75 10.83
CA LEU B 24 -15.84 12.99 10.09
C LEU B 24 -14.53 13.63 10.53
N GLY B 25 -14.26 13.57 11.82
CA GLY B 25 -12.99 14.08 12.33
C GLY B 25 -11.83 13.27 11.80
N ARG B 26 -12.03 11.97 11.64
CA ARG B 26 -10.97 11.14 11.13
C ARG B 26 -10.71 11.44 9.65
N VAL B 27 -11.77 11.72 8.90
CA VAL B 27 -11.57 12.13 7.50
C VAL B 27 -10.66 13.38 7.46
N TYR B 28 -10.94 14.36 8.31
CA TYR B 28 -10.10 15.56 8.32
C TYR B 28 -8.65 15.23 8.62
N TYR B 29 -8.47 14.37 9.62
CA TYR B 29 -7.12 13.92 10.02
C TYR B 29 -6.35 13.19 8.87
N GLU B 30 -6.95 12.17 8.26
CA GLU B 30 -6.41 11.49 7.04
C GLU B 30 -5.97 12.43 5.96
N ALA B 31 -6.89 13.32 5.58
CA ALA B 31 -6.61 14.33 4.56
C ALA B 31 -5.39 15.17 4.94
N LYS B 32 -5.32 15.61 6.19
CA LYS B 32 -4.19 16.39 6.65
C LYS B 32 -2.93 15.58 6.68
N LEU B 33 -3.03 14.28 6.89
CA LEU B 33 -1.83 13.44 6.81
C LEU B 33 -1.20 13.51 5.43
N VAL B 34 -2.03 13.68 4.40
CA VAL B 34 -1.58 13.63 3.01
C VAL B 34 -1.27 14.99 2.43
N THR B 35 -2.09 15.99 2.68
CA THR B 35 -1.96 17.23 1.92
C THR B 35 -2.30 18.44 2.73
N ASP B 36 -1.92 19.59 2.19
CA ASP B 36 -2.23 20.90 2.73
C ASP B 36 -3.21 21.71 1.87
N ASP B 37 -3.61 21.16 0.71
CA ASP B 37 -4.58 21.79 -0.17
C ASP B 37 -5.95 21.84 0.50
N GLU B 38 -6.46 23.04 0.82
CA GLU B 38 -7.74 23.15 1.52
C GLU B 38 -8.86 22.73 0.61
N ASP B 39 -8.76 23.02 -0.66
CA ASP B 39 -9.76 22.55 -1.61
C ASP B 39 -9.96 21.07 -1.48
N LEU B 40 -8.85 20.30 -1.51
CA LEU B 40 -8.96 18.85 -1.43
C LEU B 40 -9.46 18.42 -0.05
N ILE B 41 -8.97 19.05 1.00
CA ILE B 41 -9.43 18.68 2.34
C ILE B 41 -10.93 18.94 2.46
N SER B 42 -11.35 20.13 2.08
CA SER B 42 -12.73 20.47 2.24
C SER B 42 -13.56 19.62 1.33
N GLN B 43 -13.02 19.22 0.18
CA GLN B 43 -13.76 18.34 -0.69
C GLN B 43 -14.02 16.99 0.02
N CYS B 44 -13.00 16.48 0.69
CA CYS B 44 -13.13 15.21 1.41
C CYS B 44 -14.21 15.29 2.49
N VAL B 45 -14.17 16.36 3.26
CA VAL B 45 -15.11 16.52 4.33
C VAL B 45 -16.51 16.75 3.78
N ASP B 46 -16.62 17.54 2.73
CA ASP B 46 -17.93 17.83 2.19
C ASP B 46 -18.57 16.61 1.54
N GLU B 47 -17.82 15.84 0.77
CA GLU B 47 -18.38 14.61 0.19
C GLU B 47 -18.77 13.62 1.29
N SER B 48 -17.97 13.57 2.35
CA SER B 48 -18.28 12.68 3.47
C SER B 48 -19.59 13.05 4.14
N LEU B 49 -19.82 14.35 4.27
CA LEU B 49 -21.07 14.83 4.82
C LEU B 49 -22.28 14.49 3.96
N LYS B 50 -22.14 14.59 2.63
CA LYS B 50 -23.21 14.24 1.72
C LYS B 50 -23.56 12.75 1.94
N ILE B 51 -22.55 11.91 2.03
CA ILE B 51 -22.78 10.48 2.17
C ILE B 51 -23.52 10.22 3.45
N LEU B 52 -22.99 10.79 4.53
CA LEU B 52 -23.61 10.60 5.86
C LEU B 52 -25.06 11.05 5.91
N ALA B 53 -25.38 12.08 5.15
CA ALA B 53 -26.76 12.54 5.10
C ALA B 53 -27.63 11.57 4.26
N GLU B 54 -27.13 11.07 3.12
CA GLU B 54 -27.86 10.12 2.30
C GLU B 54 -28.14 8.85 3.10
N ASN B 55 -27.10 8.26 3.72
CA ASN B 55 -27.20 6.93 4.34
C ASN B 55 -27.15 7.00 5.87
N ILE B 61 -21.56 4.06 12.81
CA ILE B 61 -21.46 3.96 11.35
C ILE B 61 -21.25 2.49 10.86
N ASN B 62 -22.06 2.04 9.90
CA ASN B 62 -21.90 0.72 9.23
C ASN B 62 -20.45 0.55 8.70
N ALA B 63 -20.03 -0.70 8.49
CA ALA B 63 -18.71 -0.99 7.87
C ALA B 63 -18.72 -0.58 6.41
N HIS B 64 -19.85 -0.85 5.76
CA HIS B 64 -20.07 -0.50 4.37
C HIS B 64 -19.91 0.99 4.22
N LEU B 65 -20.52 1.75 5.12
CA LEU B 65 -20.53 3.21 5.02
C LEU B 65 -19.17 3.82 5.29
N ALA B 66 -18.53 3.38 6.35
CA ALA B 66 -17.18 3.87 6.63
C ALA B 66 -16.20 3.46 5.52
N THR B 67 -16.35 2.26 4.98
CA THR B 67 -15.49 1.81 3.88
C THR B 67 -15.68 2.72 2.68
N ARG B 68 -16.93 2.89 2.30
CA ARG B 68 -17.31 3.73 1.18
C ARG B 68 -16.79 5.17 1.30
N ILE B 69 -16.85 5.71 2.52
CA ILE B 69 -16.38 7.08 2.80
C ILE B 69 -14.87 7.20 2.74
N HIS B 70 -14.15 6.30 3.38
CA HIS B 70 -12.68 6.35 3.29
C HIS B 70 -12.18 6.13 1.88
N ARG B 71 -12.81 5.20 1.15
CA ARG B 71 -12.41 4.98 -0.24
C ARG B 71 -12.60 6.22 -1.07
N ARG B 72 -13.72 6.89 -0.87
CA ARG B 72 -13.96 8.11 -1.62
C ARG B 72 -12.98 9.23 -1.26
N VAL B 73 -12.64 9.32 0.01
CA VAL B 73 -11.67 10.28 0.49
C VAL B 73 -10.28 9.96 -0.06
N TYR B 74 -9.88 8.70 -0.06
CA TYR B 74 -8.59 8.30 -0.61
C TYR B 74 -8.52 8.68 -2.10
N GLU B 75 -9.62 8.51 -2.82
CA GLU B 75 -9.69 8.84 -4.24
C GLU B 75 -9.45 10.33 -4.46
N ILE B 76 -10.15 11.14 -3.70
CA ILE B 76 -10.03 12.58 -3.84
C ILE B 76 -8.60 13.02 -3.56
N LEU B 77 -7.95 12.34 -2.60
CA LEU B 77 -6.59 12.68 -2.19
C LEU B 77 -5.56 12.06 -3.11
N GLY B 78 -5.97 11.16 -3.97
CA GLY B 78 -5.05 10.44 -4.85
C GLY B 78 -4.04 9.59 -4.12
N VAL B 79 -4.44 9.07 -2.95
CA VAL B 79 -3.54 8.41 -2.01
C VAL B 79 -3.94 6.91 -1.84
N GLU B 80 -2.98 6.06 -1.53
CA GLU B 80 -3.20 4.64 -1.32
C GLU B 80 -3.17 4.30 0.17
N ASP B 81 -2.18 4.85 0.92
CA ASP B 81 -2.08 4.66 2.36
C ASP B 81 -1.63 5.91 3.10
N PRO B 82 -2.58 6.75 3.52
CA PRO B 82 -2.18 7.94 4.24
C PRO B 82 -1.60 7.61 5.64
N TYR B 83 -1.85 6.38 6.12
CA TYR B 83 -1.46 5.95 7.45
C TYR B 83 -0.14 5.21 7.43
N ALA B 84 0.58 5.27 6.32
CA ALA B 84 1.72 4.39 6.17
C ALA B 84 2.83 4.67 7.23
N GLU B 85 3.02 5.93 7.58
CA GLU B 85 4.04 6.24 8.57
C GLU B 85 3.49 5.86 9.98
N VAL B 86 2.22 6.14 10.24
CA VAL B 86 1.63 5.91 11.53
C VAL B 86 1.62 4.43 11.85
N LYS B 87 1.20 3.63 10.88
CA LYS B 87 1.31 2.18 11.00
C LYS B 87 2.76 1.71 11.22
N ALA B 88 3.69 2.28 10.49
CA ALA B 88 5.09 1.87 10.65
C ALA B 88 5.64 2.11 12.06
N ARG B 89 5.25 3.22 12.69
CA ARG B 89 5.70 3.47 14.06
C ARG B 89 5.11 2.45 15.02
N ALA B 90 3.86 2.07 14.80
CA ALA B 90 3.21 1.10 15.65
C ALA B 90 3.93 -0.23 15.51
N ASN B 91 4.22 -0.62 14.27
CA ASN B 91 5.04 -1.82 14.03
C ASN B 91 6.38 -1.79 14.74
N GLU B 92 7.00 -0.62 14.76
CA GLU B 92 8.30 -0.45 15.34
C GLU B 92 8.29 -0.58 16.86
N VAL B 93 7.29 -0.01 17.55
CA VAL B 93 7.18 -0.12 18.99
C VAL B 93 6.83 -1.54 19.39
N ALA B 94 5.83 -2.09 18.72
CA ALA B 94 5.46 -3.45 18.90
C ALA B 94 6.66 -4.39 18.87
N ARG B 95 7.47 -4.27 17.80
CA ARG B 95 8.73 -5.01 17.68
C ARG B 95 9.63 -4.89 18.88
N GLN B 96 9.79 -3.66 19.34
CA GLN B 96 10.65 -3.35 20.45
C GLN B 96 10.21 -4.00 21.76
N VAL B 97 8.91 -4.07 22.02
CA VAL B 97 8.41 -4.57 23.31
C VAL B 97 7.86 -6.00 23.25
N LEU B 98 7.77 -6.58 22.06
CA LEU B 98 7.20 -7.92 21.94
C LEU B 98 7.91 -8.97 22.77
N PRO B 99 9.25 -8.94 22.81
CA PRO B 99 9.97 -9.95 23.60
C PRO B 99 9.56 -9.91 25.06
N LEU B 100 9.17 -8.72 25.52
CA LEU B 100 8.73 -8.53 26.89
C LEU B 100 7.32 -9.07 27.08
N ALA B 101 6.47 -8.86 26.08
CA ALA B 101 5.14 -9.41 26.09
C ALA B 101 5.20 -10.93 26.16
N LYS B 102 6.14 -11.50 25.42
CA LYS B 102 6.34 -12.94 25.37
C LYS B 102 6.70 -13.45 26.76
N GLU B 103 7.63 -12.78 27.43
CA GLU B 103 8.01 -13.08 28.80
C GLU B 103 6.80 -13.21 29.70
N ILE B 104 5.89 -12.24 29.62
CA ILE B 104 4.70 -12.23 30.45
C ILE B 104 3.72 -13.36 30.15
N VAL B 105 3.58 -13.72 28.87
CA VAL B 105 2.76 -14.87 28.48
C VAL B 105 3.33 -16.18 29.02
N GLU B 106 4.59 -16.42 28.70
CA GLU B 106 5.28 -17.65 29.07
C GLU B 106 5.43 -17.77 30.59
N GLY B 107 5.53 -16.63 31.28
CA GLY B 107 5.70 -16.59 32.73
C GLY B 107 4.40 -16.65 33.51
N SER B 108 3.25 -16.52 32.85
CA SER B 108 1.97 -16.48 33.58
C SER B 108 1.44 -17.88 33.86
N ASP B 109 0.52 -17.96 34.82
CA ASP B 109 -0.09 -19.23 35.18
C ASP B 109 -1.07 -19.77 34.10
N ASP B 110 -1.63 -18.88 33.27
CA ASP B 110 -2.52 -19.28 32.14
C ASP B 110 -2.08 -18.54 30.87
N PRO B 111 -1.04 -19.06 30.20
CA PRO B 111 -0.50 -18.38 29.03
C PRO B 111 -1.53 -18.05 27.95
N PHE B 112 -2.47 -18.96 27.74
CA PHE B 112 -3.49 -18.73 26.72
C PHE B 112 -4.28 -17.45 27.00
N LYS B 113 -4.80 -17.34 28.22
CA LYS B 113 -5.58 -16.16 28.58
C LYS B 113 -4.72 -14.90 28.57
N THR B 114 -3.47 -15.01 29.03
CA THR B 114 -2.60 -13.85 29.00
C THR B 114 -2.31 -13.48 27.54
N ALA B 115 -2.11 -14.46 26.67
CA ALA B 115 -1.92 -14.16 25.25
C ALA B 115 -3.17 -13.45 24.67
N VAL B 116 -4.36 -13.87 25.08
CA VAL B 116 -5.57 -13.15 24.67
C VAL B 116 -5.53 -11.68 25.12
N ILE B 117 -5.21 -11.45 26.38
CA ILE B 117 -5.20 -10.11 26.91
C ILE B 117 -4.15 -9.26 26.19
N VAL B 118 -2.95 -9.81 25.98
CA VAL B 118 -1.90 -9.11 25.25
C VAL B 118 -2.38 -8.70 23.83
N SER B 119 -3.01 -9.60 23.10
CA SER B 119 -3.45 -9.32 21.75
C SER B 119 -4.44 -8.13 21.74
N ILE B 120 -5.27 -8.06 22.78
CA ILE B 120 -6.25 -6.98 22.89
C ILE B 120 -5.60 -5.64 23.28
N VAL B 121 -4.67 -5.65 24.24
CA VAL B 121 -4.02 -4.42 24.67
C VAL B 121 -2.88 -4.00 23.74
N GLY B 122 -2.32 -4.93 22.98
CA GLY B 122 -1.61 -4.57 21.74
C GLY B 122 -2.34 -3.61 20.78
N ASN B 123 -3.69 -3.67 20.78
CA ASN B 123 -4.54 -2.64 20.12
C ASN B 123 -4.76 -1.29 20.89
N ASN B 124 -4.17 -1.14 22.09
CA ASN B 124 -4.03 0.16 22.78
C ASN B 124 -2.55 0.47 23.10
N PHE B 125 -2.32 1.57 23.81
CA PHE B 125 -1.03 1.99 24.40
C PHE B 125 -0.79 3.51 24.22
N HIS B 132 9.71 8.13 22.74
CA HIS B 132 10.12 7.33 23.90
C HIS B 132 11.32 6.43 23.58
N LYS B 133 12.47 6.74 24.19
CA LYS B 133 13.65 5.88 24.17
C LYS B 133 13.34 4.65 25.04
N VAL B 134 13.28 4.87 26.35
CA VAL B 134 13.04 3.82 27.34
C VAL B 134 11.53 3.62 27.66
N VAL B 135 10.76 3.31 26.62
CA VAL B 135 9.34 2.88 26.77
C VAL B 135 9.18 1.37 27.06
N GLU B 136 10.30 0.61 27.10
CA GLU B 136 10.26 -0.83 27.39
C GLU B 136 9.80 -1.08 28.83
N GLU B 137 10.34 -0.31 29.78
CA GLU B 137 9.94 -0.45 31.19
C GLU B 137 8.48 -0.03 31.43
N GLU B 138 8.04 1.05 30.78
CA GLU B 138 6.69 1.61 30.96
C GLU B 138 5.62 0.61 30.52
N PHE B 139 5.81 0.06 29.32
CA PHE B 139 4.92 -0.97 28.78
C PHE B 139 4.83 -2.19 29.71
N ARG B 140 5.92 -2.57 30.36
CA ARG B 140 5.91 -3.67 31.35
C ARG B 140 4.84 -3.40 32.39
N ASP B 141 4.80 -2.15 32.84
CA ASP B 141 3.83 -1.70 33.84
C ASP B 141 2.42 -1.71 33.25
N PHE B 142 2.26 -1.20 32.04
CA PHE B 142 0.91 -1.13 31.42
C PHE B 142 0.27 -2.52 31.19
N LEU B 143 1.12 -3.45 30.77
CA LEU B 143 0.68 -4.80 30.50
C LEU B 143 0.36 -5.52 31.79
N LYS B 144 1.26 -5.39 32.77
CA LYS B 144 1.03 -5.97 34.10
C LYS B 144 -0.31 -5.48 34.67
N ARG B 145 -0.63 -4.19 34.46
CA ARG B 145 -1.87 -3.62 34.99
C ARG B 145 -3.08 -4.17 34.29
N LYS B 146 -3.01 -4.25 32.98
CA LYS B 146 -4.17 -4.75 32.22
C LYS B 146 -4.43 -6.23 32.52
N VAL B 147 -3.39 -7.01 32.80
CA VAL B 147 -3.61 -8.40 33.23
C VAL B 147 -4.27 -8.45 34.61
N GLN B 148 -3.90 -7.53 35.49
CA GLN B 148 -4.54 -7.47 36.82
C GLN B 148 -6.04 -7.19 36.67
N GLU B 149 -6.37 -6.22 35.82
CA GLU B 149 -7.77 -5.86 35.57
C GLU B 149 -8.56 -7.03 34.98
N GLY B 150 -7.90 -7.77 34.09
CA GLY B 150 -8.51 -8.96 33.50
C GLY B 150 -9.63 -8.65 32.53
N LEU B 151 -10.28 -9.70 32.02
CA LEU B 151 -11.38 -9.58 31.05
C LEU B 151 -12.73 -9.49 31.73
N LYS B 152 -13.52 -8.49 31.39
CA LYS B 152 -14.87 -8.36 31.96
C LYS B 152 -15.74 -9.51 31.48
N ILE B 153 -15.57 -9.92 30.23
CA ILE B 153 -16.14 -11.16 29.73
C ILE B 153 -14.98 -12.07 29.35
N ASN B 154 -14.95 -13.22 30.00
CA ASN B 154 -13.82 -14.12 29.92
C ASN B 154 -14.23 -15.47 29.45
N ASP B 155 -14.31 -15.65 28.14
CA ASP B 155 -14.62 -16.95 27.55
C ASP B 155 -13.38 -17.65 27.01
N THR B 156 -12.22 -17.39 27.60
CA THR B 156 -10.97 -17.91 27.06
C THR B 156 -10.86 -19.44 27.17
N GLU B 157 -11.50 -20.04 28.16
CA GLU B 157 -11.42 -21.50 28.27
C GLU B 157 -12.12 -22.14 27.09
N ARG B 158 -13.29 -21.63 26.78
CA ARG B 158 -14.01 -22.10 25.61
C ARG B 158 -13.23 -21.87 24.30
N ILE B 159 -12.63 -20.69 24.19
CA ILE B 159 -11.84 -20.36 23.00
C ILE B 159 -10.73 -21.39 22.83
N LYS B 160 -10.02 -21.65 23.92
CA LYS B 160 -8.96 -22.65 23.97
C LYS B 160 -9.49 -24.00 23.55
N GLU B 161 -10.68 -24.36 24.04
CA GLU B 161 -11.34 -25.65 23.69
C GLU B 161 -11.62 -25.73 22.18
N LEU B 162 -12.15 -24.66 21.61
CA LEU B 162 -12.48 -24.66 20.18
C LEU B 162 -11.25 -24.55 19.30
N SER B 163 -10.09 -24.23 19.87
CA SER B 163 -8.89 -24.02 19.05
C SER B 163 -8.25 -25.30 18.55
N SER B 164 -8.79 -26.43 18.96
CA SER B 164 -8.34 -27.71 18.42
C SER B 164 -8.69 -27.90 16.93
N GLY B 165 -9.67 -27.16 16.41
CA GLY B 165 -10.12 -27.34 15.05
C GLY B 165 -9.44 -26.43 14.05
N LYS B 166 -10.11 -26.20 12.92
CA LYS B 166 -9.65 -25.29 11.90
C LYS B 166 -9.94 -23.88 12.41
N VAL B 167 -8.90 -23.05 12.50
CA VAL B 167 -9.06 -21.70 13.07
C VAL B 167 -8.81 -20.62 12.04
N VAL B 168 -9.66 -19.59 12.04
CA VAL B 168 -9.38 -18.41 11.23
C VAL B 168 -9.22 -17.20 12.14
N TYR B 169 -8.08 -16.53 11.97
CA TYR B 169 -7.71 -15.39 12.81
C TYR B 169 -7.81 -14.11 11.97
N LEU B 170 -8.84 -13.35 12.29
CA LEU B 170 -9.17 -12.13 11.58
C LEU B 170 -8.57 -10.95 12.34
N THR B 171 -7.49 -10.40 11.78
CA THR B 171 -6.72 -9.34 12.42
C THR B 171 -7.42 -8.01 12.33
N ASP B 172 -6.80 -7.00 12.91
CA ASP B 172 -7.30 -5.64 12.86
C ASP B 172 -6.12 -4.72 12.46
N ASN B 173 -5.48 -4.06 13.42
CA ASN B 173 -4.47 -3.01 13.11
C ASN B 173 -3.02 -3.48 12.96
N ALA B 174 -2.24 -2.67 12.25
CA ALA B 174 -0.79 -2.77 12.37
C ALA B 174 -0.37 -2.54 13.83
N GLY B 175 0.83 -2.94 14.18
CA GLY B 175 1.27 -2.88 15.58
C GLY B 175 0.64 -3.99 16.38
N GLU B 176 -0.68 -3.94 16.49
CA GLU B 176 -1.47 -5.00 17.11
C GLU B 176 -1.12 -6.38 16.57
N ILE B 177 -0.87 -6.50 15.27
CA ILE B 177 -0.69 -7.81 14.67
C ILE B 177 0.57 -8.51 15.19
N PHE B 178 1.58 -7.74 15.59
CA PHE B 178 2.72 -8.33 16.30
C PHE B 178 2.28 -9.01 17.60
N PHE B 179 1.38 -8.38 18.36
CA PHE B 179 0.92 -9.00 19.59
C PHE B 179 0.01 -10.20 19.31
N ASP B 180 -0.77 -10.13 18.24
CA ASP B 180 -1.59 -11.23 17.77
C ASP B 180 -0.77 -12.51 17.56
N THR B 181 0.49 -12.36 17.18
CA THR B 181 1.32 -13.55 16.90
C THR B 181 1.48 -14.41 18.15
N LEU B 182 1.43 -13.80 19.32
CA LEU B 182 1.56 -14.57 20.56
C LEU B 182 0.34 -15.43 20.78
N LEU B 183 -0.85 -14.93 20.48
CA LEU B 183 -2.02 -15.79 20.58
C LEU B 183 -2.06 -16.84 19.46
N LYS B 185 0.52 -18.39 18.18
CA LYS B 185 1.41 -19.45 18.64
C LYS B 185 0.71 -20.37 19.64
N GLU B 186 -0.03 -19.80 20.58
CA GLU B 186 -0.78 -20.62 21.55
C GLU B 186 -1.81 -21.46 20.84
N ILE B 187 -2.55 -20.84 19.91
CA ILE B 187 -3.54 -21.56 19.11
C ILE B 187 -2.88 -22.67 18.31
N LYS B 188 -1.70 -22.38 17.79
CA LYS B 188 -0.95 -23.28 16.94
C LYS B 188 -0.50 -24.56 17.67
N ARG B 189 -0.46 -24.52 19.00
CA ARG B 189 -0.21 -25.73 19.78
C ARG B 189 -1.32 -26.78 19.65
N ARG B 190 -2.52 -26.37 19.27
CA ARG B 190 -3.68 -27.25 19.38
C ARG B 190 -4.43 -27.49 18.09
N CYS B 191 -4.32 -26.57 17.13
CA CYS B 191 -5.27 -26.54 16.02
C CYS B 191 -4.94 -27.49 14.87
N GLU B 192 -5.97 -27.93 14.16
CA GLU B 192 -5.80 -28.65 12.89
C GLU B 192 -5.14 -27.69 11.89
N LYS B 193 -5.55 -26.41 11.92
CA LYS B 193 -5.13 -25.46 10.92
C LYS B 193 -5.34 -24.03 11.38
N LEU B 194 -4.48 -23.14 10.92
CA LEU B 194 -4.58 -21.74 11.28
C LEU B 194 -4.51 -20.89 10.03
N THR B 195 -5.58 -20.13 9.79
CA THR B 195 -5.61 -19.19 8.69
C THR B 195 -5.73 -17.77 9.23
N ALA B 196 -4.79 -16.92 8.83
CA ALA B 196 -4.82 -15.52 9.18
C ALA B 196 -5.41 -14.75 8.01
N VAL B 197 -6.18 -13.72 8.34
CA VAL B 197 -6.78 -12.85 7.36
C VAL B 197 -6.48 -11.41 7.68
N VAL B 198 -6.00 -10.69 6.69
CA VAL B 198 -5.67 -9.28 6.81
C VAL B 198 -6.37 -8.54 5.68
N ARG B 199 -6.09 -7.24 5.56
CA ARG B 199 -6.73 -6.45 4.51
C ARG B 199 -6.00 -6.57 3.20
N GLY B 200 -6.77 -6.68 2.13
CA GLY B 200 -6.19 -6.79 0.81
C GLY B 200 -5.70 -5.47 0.28
N ARG B 201 -6.15 -4.36 0.86
CA ARG B 201 -5.62 -3.03 0.50
C ARG B 201 -5.59 -2.20 1.75
N PRO B 202 -4.73 -1.18 1.80
CA PRO B 202 -4.69 -0.32 2.98
C PRO B 202 -5.97 0.42 3.19
N ILE B 203 -6.44 0.44 4.43
CA ILE B 203 -7.54 1.29 4.86
C ILE B 203 -7.30 1.59 6.33
N ILE B 204 -7.39 2.86 6.67
CA ILE B 204 -6.98 3.35 7.96
C ILE B 204 -5.71 2.61 8.43
N SER B 205 -5.62 2.16 9.69
CA SER B 205 -4.40 1.54 10.19
C SER B 205 -4.40 0.02 10.12
N ASP B 206 -5.38 -0.55 9.43
CA ASP B 206 -5.53 -1.96 9.37
C ASP B 206 -4.27 -2.62 8.81
N ALA B 207 -3.96 -3.78 9.35
CA ALA B 207 -2.86 -4.58 8.88
C ALA B 207 -3.18 -5.05 7.49
N THR B 208 -2.15 -5.05 6.66
CA THR B 208 -2.23 -5.61 5.32
C THR B 208 -1.25 -6.76 5.26
N ILE B 209 -1.15 -7.40 4.12
CA ILE B 209 -0.28 -8.54 3.99
C ILE B 209 1.23 -8.21 4.31
N GLU B 210 1.69 -7.01 4.00
CA GLU B 210 3.06 -6.66 4.35
C GLU B 210 3.22 -6.64 5.87
N ASP B 211 2.24 -6.07 6.56
CA ASP B 211 2.28 -5.98 8.02
C ASP B 211 2.41 -7.37 8.59
N ALA B 212 1.72 -8.33 8.01
CA ALA B 212 1.74 -9.70 8.49
C ALA B 212 3.06 -10.32 8.19
N ARG B 213 3.64 -10.02 7.05
CA ARG B 213 4.98 -10.54 6.81
C ARG B 213 5.95 -9.94 7.84
N LEU B 214 5.88 -8.65 8.09
CA LEU B 214 6.79 -8.06 9.05
C LEU B 214 6.69 -8.74 10.41
N ALA B 215 5.48 -9.15 10.80
CA ALA B 215 5.27 -9.86 12.09
C ALA B 215 5.46 -11.38 12.00
N ARG B 216 5.78 -11.87 10.80
CA ARG B 216 6.06 -13.28 10.57
C ARG B 216 4.81 -14.17 10.74
N VAL B 217 3.64 -13.56 10.57
CA VAL B 217 2.39 -14.31 10.50
C VAL B 217 2.45 -15.45 9.48
N ASP B 218 3.06 -15.18 8.32
CA ASP B 218 3.18 -16.19 7.30
C ASP B 218 4.05 -17.36 7.72
N LYS B 219 4.78 -17.24 8.82
CA LYS B 219 5.62 -18.35 9.30
C LYS B 219 4.95 -19.12 10.41
N ILE B 220 3.90 -18.56 10.98
CA ILE B 220 3.19 -19.17 12.08
C ILE B 220 1.91 -19.82 11.57
N ALA B 221 1.15 -19.08 10.75
CA ALA B 221 -0.10 -19.58 10.20
C ALA B 221 0.14 -20.47 9.01
N ASP B 222 -0.78 -21.38 8.79
CA ASP B 222 -0.67 -22.28 7.67
C ASP B 222 -1.07 -21.57 6.37
N GLU B 223 -1.96 -20.60 6.45
CA GLU B 223 -2.40 -19.87 5.28
C GLU B 223 -2.52 -18.38 5.67
N LEU B 224 -2.27 -17.49 4.72
CA LEU B 224 -2.37 -16.05 4.94
C LEU B 224 -3.16 -15.43 3.81
N LEU B 225 -4.34 -14.92 4.14
CA LEU B 225 -5.31 -14.53 3.14
C LEU B 225 -5.72 -13.09 3.35
N THR B 226 -6.46 -12.52 2.41
CA THR B 226 -6.97 -11.16 2.60
C THR B 226 -8.47 -11.16 2.53
N ASN B 227 -9.07 -10.06 2.93
CA ASN B 227 -10.51 -9.87 2.83
C ASN B 227 -10.88 -9.19 1.52
N GLY B 228 -9.93 -9.11 0.59
CA GLY B 228 -10.26 -8.75 -0.77
C GLY B 228 -9.82 -7.35 -1.12
N LYS B 229 -10.79 -6.46 -1.37
CA LYS B 229 -10.56 -5.06 -1.71
C LYS B 229 -10.25 -4.17 -0.50
N GLY B 230 -10.09 -4.75 0.67
CA GLY B 230 -9.67 -3.96 1.84
C GLY B 230 -10.76 -3.13 2.52
N ALA B 231 -11.78 -3.83 2.97
CA ALA B 231 -12.88 -3.21 3.66
C ALA B 231 -12.52 -3.07 5.12
N ILE B 232 -13.10 -2.05 5.75
CA ILE B 232 -13.18 -2.02 7.20
C ILE B 232 -14.18 -3.09 7.55
N GLY B 233 -13.82 -3.90 8.53
CA GLY B 233 -14.63 -5.07 8.84
C GLY B 233 -14.59 -6.12 7.76
N ILE B 234 -15.72 -6.81 7.58
CA ILE B 234 -15.82 -7.83 6.57
C ILE B 234 -17.00 -7.47 5.74
N ILE B 235 -16.82 -7.47 4.42
CA ILE B 235 -17.95 -7.34 3.50
C ILE B 235 -17.92 -8.60 2.70
N ASP B 237 -19.50 -9.83 0.18
CA ASP B 237 -19.42 -9.65 -1.27
C ASP B 237 -17.99 -9.56 -1.81
N GLU B 238 -17.07 -9.06 -0.98
CA GLU B 238 -15.75 -8.70 -1.44
C GLU B 238 -14.71 -9.77 -1.18
N LEU B 239 -15.05 -10.78 -0.41
CA LEU B 239 -14.05 -11.77 -0.05
C LEU B 239 -13.65 -12.55 -1.30
N PRO B 240 -12.35 -12.82 -1.42
CA PRO B 240 -11.89 -13.81 -2.38
C PRO B 240 -12.48 -15.20 -2.07
N ASP B 241 -12.66 -16.04 -3.10
CA ASP B 241 -13.27 -17.36 -2.86
C ASP B 241 -12.51 -18.08 -1.73
N GLU B 242 -11.18 -18.10 -1.79
CA GLU B 242 -10.40 -18.85 -0.83
C GLU B 242 -10.72 -18.44 0.61
N THR B 243 -10.82 -17.13 0.84
CA THR B 243 -11.09 -16.58 2.17
C THR B 243 -12.51 -16.86 2.67
N ARG B 244 -13.46 -16.79 1.75
CA ARG B 244 -14.83 -17.06 2.08
C ARG B 244 -14.98 -18.53 2.51
N LYS B 245 -14.37 -19.43 1.73
CA LYS B 245 -14.37 -20.87 2.10
C LYS B 245 -13.81 -21.06 3.51
N ALA B 246 -12.64 -20.47 3.74
CA ALA B 246 -11.96 -20.67 5.00
C ALA B 246 -12.77 -20.18 6.17
N LEU B 247 -13.50 -19.08 6.00
CA LEU B 247 -14.46 -18.60 7.02
C LEU B 247 -15.64 -19.57 7.21
N GLU B 248 -16.25 -20.04 6.11
CA GLU B 248 -17.36 -20.97 6.22
C GLU B 248 -16.94 -22.30 6.86
N GLU B 249 -15.77 -22.80 6.52
CA GLU B 249 -15.28 -24.10 7.01
C GLU B 249 -14.64 -24.09 8.40
N ALA B 250 -14.43 -22.89 8.94
CA ALA B 250 -13.81 -22.71 10.25
C ALA B 250 -14.58 -23.34 11.39
N ASP B 251 -13.87 -24.00 12.29
CA ASP B 251 -14.43 -24.45 13.54
C ASP B 251 -14.45 -23.31 14.53
N LEU B 252 -13.60 -22.30 14.30
CA LEU B 252 -13.50 -21.13 15.16
C LEU B 252 -12.98 -19.96 14.36
N ILE B 253 -13.66 -18.84 14.42
CA ILE B 253 -13.13 -17.60 13.94
C ILE B 253 -12.72 -16.78 15.15
N VAL B 254 -11.49 -16.26 15.14
CA VAL B 254 -11.05 -15.27 16.13
C VAL B 254 -11.02 -13.94 15.42
N ALA B 255 -11.77 -12.98 15.96
CA ALA B 255 -11.97 -11.68 15.35
C ALA B 255 -11.51 -10.61 16.30
N LYS B 256 -10.68 -9.69 15.81
CA LYS B 256 -10.14 -8.64 16.64
C LYS B 256 -10.83 -7.29 16.39
N GLY B 257 -11.19 -6.61 17.48
CA GLY B 257 -11.60 -5.23 17.39
C GLY B 257 -13.04 -5.01 17.04
N ALA B 259 -14.77 -3.09 14.66
CA ALA B 259 -15.38 -3.18 13.33
C ALA B 259 -15.70 -4.62 13.01
N ASN B 260 -14.76 -5.52 13.31
CA ASN B 260 -15.01 -6.95 13.02
C ASN B 260 -16.24 -7.44 13.80
N TYR B 261 -16.33 -7.05 15.06
CA TYR B 261 -17.50 -7.44 15.88
C TYR B 261 -18.78 -6.96 15.24
N GLU B 262 -18.80 -5.69 14.88
CA GLU B 262 -20.01 -5.11 14.34
C GLU B 262 -20.45 -5.78 13.02
N CYS B 263 -19.51 -6.23 12.20
CA CYS B 263 -19.88 -6.97 10.99
C CYS B 263 -20.30 -8.41 11.25
N LEU B 264 -19.74 -9.08 12.24
CA LEU B 264 -19.93 -10.54 12.32
C LEU B 264 -20.80 -10.97 13.49
N SER B 265 -21.23 -10.00 14.29
CA SER B 265 -21.91 -10.29 15.55
C SER B 265 -23.28 -10.92 15.37
N ASP B 266 -23.97 -10.63 14.26
CA ASP B 266 -25.29 -11.21 13.94
C ASP B 266 -24.94 -12.47 13.18
N GLY B 267 -24.78 -13.56 13.95
CA GLY B 267 -23.76 -14.58 13.66
C GLY B 267 -24.09 -15.61 12.61
N SER B 268 -24.10 -15.20 11.34
CA SER B 268 -24.15 -16.15 10.23
C SER B 268 -22.94 -17.14 10.24
N LEU B 269 -21.80 -16.66 10.74
CA LEU B 269 -20.55 -17.41 10.87
C LEU B 269 -20.13 -17.60 12.34
N LYS B 270 -20.21 -18.83 12.81
CA LYS B 270 -20.07 -19.18 14.22
C LYS B 270 -19.56 -20.61 14.30
N PRO B 271 -18.94 -20.99 15.42
CA PRO B 271 -18.59 -20.16 16.57
C PRO B 271 -17.56 -19.10 16.27
N ILE B 272 -17.73 -17.94 16.90
CA ILE B 272 -16.80 -16.85 16.72
C ILE B 272 -16.45 -16.23 18.07
N ALA B 273 -15.19 -15.87 18.24
CA ALA B 273 -14.70 -15.21 19.46
C ALA B 273 -14.30 -13.76 19.15
N PHE B 274 -14.89 -12.80 19.86
CA PHE B 274 -14.58 -11.41 19.68
C PHE B 274 -13.62 -10.93 20.76
N LEU B 275 -12.38 -10.60 20.34
CA LEU B 275 -11.41 -10.03 21.26
C LEU B 275 -11.31 -8.55 20.97
N LEU B 276 -11.69 -7.74 21.96
CA LEU B 276 -11.69 -6.29 21.75
C LEU B 276 -11.79 -5.56 23.07
N THR B 277 -11.47 -4.26 23.03
CA THR B 277 -11.86 -3.33 24.10
C THR B 277 -13.11 -2.56 23.64
N ALA B 278 -14.06 -2.34 24.55
CA ALA B 278 -15.24 -1.54 24.21
C ALA B 278 -14.91 -0.08 24.40
N LYS B 279 -14.40 0.56 23.35
CA LYS B 279 -13.92 1.95 23.43
C LYS B 279 -15.05 2.99 23.34
N CYS B 280 -16.25 2.58 22.92
CA CYS B 280 -17.38 3.54 22.87
C CYS B 280 -18.72 2.97 23.34
N GLU B 281 -19.58 3.89 23.77
CA GLU B 281 -20.88 3.55 24.37
C GLU B 281 -21.71 2.59 23.50
N PRO B 282 -21.79 2.86 22.19
CA PRO B 282 -22.58 1.94 21.36
C PRO B 282 -22.10 0.48 21.39
N VAL B 283 -20.80 0.27 21.22
CA VAL B 283 -20.27 -1.07 21.24
C VAL B 283 -20.41 -1.68 22.62
N ALA B 284 -20.10 -0.89 23.66
CA ALA B 284 -20.21 -1.37 25.03
C ALA B 284 -21.61 -1.84 25.31
N ARG B 285 -22.62 -1.07 24.89
CA ARG B 285 -24.04 -1.43 25.16
C ARG B 285 -24.44 -2.67 24.36
N ASP B 286 -23.99 -2.75 23.10
CA ASP B 286 -24.19 -3.95 22.23
C ASP B 286 -23.74 -5.24 22.92
N ILE B 287 -22.54 -5.22 23.49
CA ILE B 287 -21.91 -6.41 24.05
C ILE B 287 -22.28 -6.65 25.51
N GLY B 288 -22.63 -5.59 26.22
CA GLY B 288 -23.07 -5.72 27.60
C GLY B 288 -21.96 -5.50 28.61
N VAL B 289 -21.06 -4.57 28.32
CA VAL B 289 -19.95 -4.25 29.18
C VAL B 289 -19.97 -2.75 29.38
N ASN B 290 -19.05 -2.22 30.18
CA ASN B 290 -18.86 -0.78 30.29
C ASN B 290 -17.74 -0.36 29.36
N VAL B 291 -17.63 0.93 29.11
CA VAL B 291 -16.55 1.45 28.27
C VAL B 291 -15.18 1.15 28.92
N GLY B 292 -14.20 0.78 28.10
CA GLY B 292 -12.88 0.43 28.59
C GLY B 292 -12.75 -1.03 28.95
N ASP B 293 -13.87 -1.74 29.15
CA ASP B 293 -13.83 -3.16 29.48
C ASP B 293 -13.23 -3.96 28.35
N VAL B 295 -12.80 -7.57 26.41
CA VAL B 295 -13.72 -8.67 26.14
C VAL B 295 -13.09 -9.77 25.32
N ALA B 296 -13.29 -11.00 25.76
CA ALA B 296 -13.03 -12.16 24.91
C ALA B 296 -14.29 -12.99 24.95
N LYS B 297 -15.19 -12.66 24.03
CA LYS B 297 -16.55 -13.20 24.01
C LYS B 297 -16.76 -14.21 22.87
N VAL B 298 -17.24 -15.39 23.21
CA VAL B 298 -17.60 -16.38 22.21
C VAL B 298 -19.09 -16.37 21.99
N VAL B 299 -19.47 -16.30 20.72
CA VAL B 299 -20.87 -16.45 20.30
C VAL B 299 -20.99 -17.71 19.43
N GLU B 300 -22.05 -18.48 19.62
CA GLU B 300 -22.15 -19.78 18.92
C GLU B 300 -23.54 -20.41 18.90
#